data_4LVX
#
_entry.id   4LVX
#
_cell.length_a   26.990
_cell.length_b   68.620
_cell.length_c   158.060
_cell.angle_alpha   90.00
_cell.angle_beta   90.00
_cell.angle_gamma   90.00
#
_symmetry.space_group_name_H-M   'P 21 21 21'
#
loop_
_entity.id
_entity.type
_entity.pdbx_description
1 polymer 'THF riboswitch'
2 non-polymer 5,6,7,8-TETRAHYDROBIOPTERIN
3 water water
#
_entity_poly.entity_id   1
_entity_poly.type   'polyribonucleotide'
_entity_poly.pdbx_seq_one_letter_code
;GGAGAGUAGAUGAUUCGCGUUAAGUGUGUGUGAAUGGGAUGUCGUCACACAACGAAGCGAGAGCGCGGUGAAUCAUUGCA
UCCGCUCCA
;
_entity_poly.pdbx_strand_id   A
#